data_1WO7
#
_entry.id   1WO7
#
loop_
_entity.id
_entity.type
_entity.pdbx_description
1 polymer 'CREB Binding Protein'
2 non-polymer 'ZINC ION'
#
_entity_poly.entity_id   1
_entity_poly.type   'polypeptide(L)'
_entity_poly.pdbx_seq_one_letter_code
;FVSTCYLPKCAAAANVAAHITHCYK
;
_entity_poly.pdbx_strand_id   A
#
loop_
_chem_comp.id
_chem_comp.type
_chem_comp.name
_chem_comp.formula
ZN non-polymer 'ZINC ION' 'Zn 2'
#
# COMPACT_ATOMS: atom_id res chain seq x y z
N PHE A 1 -4.13 2.27 4.10
CA PHE A 1 -3.10 3.32 3.88
C PHE A 1 -1.75 2.70 3.56
N VAL A 2 -1.17 3.09 2.43
CA VAL A 2 0.12 2.57 2.00
C VAL A 2 1.20 2.87 3.04
N SER A 3 1.04 3.99 3.75
CA SER A 3 1.99 4.39 4.77
C SER A 3 1.98 3.41 5.94
N THR A 4 0.83 2.81 6.20
CA THR A 4 0.68 1.85 7.29
C THR A 4 0.51 0.43 6.75
N CYS A 5 1.05 0.18 5.56
CA CYS A 5 0.95 -1.14 4.95
C CYS A 5 1.70 -2.18 5.77
N TYR A 6 1.31 -3.44 5.62
CA TYR A 6 1.94 -4.53 6.35
C TYR A 6 3.09 -5.14 5.55
N LEU A 7 2.84 -5.39 4.26
CA LEU A 7 3.85 -5.97 3.39
C LEU A 7 4.66 -4.88 2.69
N PRO A 8 5.96 -5.13 2.45
CA PRO A 8 6.83 -4.16 1.79
C PRO A 8 6.59 -4.10 0.28
N LYS A 9 7.37 -3.25 -0.40
CA LYS A 9 7.25 -3.10 -1.84
C LYS A 9 5.83 -2.64 -2.22
N CYS A 10 5.27 -1.76 -1.40
CA CYS A 10 3.94 -1.24 -1.66
C CYS A 10 3.97 0.28 -1.84
N ALA A 11 4.76 0.95 -1.01
CA ALA A 11 4.87 2.40 -1.08
C ALA A 11 5.98 2.82 -2.05
N ALA A 12 5.57 3.22 -3.25
CA ALA A 12 6.52 3.64 -4.28
C ALA A 12 6.42 5.15 -4.53
N ALA A 13 5.23 5.69 -4.35
CA ALA A 13 5.00 7.12 -4.57
C ALA A 13 3.91 7.65 -3.63
N ALA A 14 3.81 7.04 -2.45
CA ALA A 14 2.82 7.45 -1.47
C ALA A 14 1.40 7.32 -2.03
N ASN A 15 1.22 6.35 -2.93
CA ASN A 15 -0.09 6.12 -3.54
C ASN A 15 -0.92 5.15 -2.71
N VAL A 16 -2.05 5.64 -2.20
CA VAL A 16 -2.93 4.82 -1.38
C VAL A 16 -3.63 3.75 -2.22
N ALA A 17 -4.09 4.14 -3.41
CA ALA A 17 -4.77 3.22 -4.30
C ALA A 17 -3.87 2.04 -4.65
N ALA A 18 -2.62 2.33 -5.03
CA ALA A 18 -1.67 1.30 -5.39
C ALA A 18 -1.46 0.32 -4.23
N HIS A 19 -1.80 0.76 -3.02
CA HIS A 19 -1.65 -0.08 -1.84
C HIS A 19 -2.89 -0.95 -1.61
N ILE A 20 -4.02 -0.30 -1.32
CA ILE A 20 -5.27 -1.00 -1.08
C ILE A 20 -5.72 -1.81 -2.30
N THR A 21 -5.19 -1.46 -3.47
CA THR A 21 -5.56 -2.17 -4.70
C THR A 21 -5.44 -3.68 -4.52
N HIS A 22 -4.32 -4.12 -3.96
CA HIS A 22 -4.10 -5.54 -3.73
C HIS A 22 -4.16 -5.87 -2.24
N CYS A 23 -3.81 -4.90 -1.40
CA CYS A 23 -3.83 -5.08 0.04
C CYS A 23 -5.25 -4.95 0.58
N TYR A 24 -5.70 -5.99 1.28
CA TYR A 24 -7.05 -6.00 1.85
C TYR A 24 -7.04 -6.58 3.27
N LYS A 25 -8.22 -6.66 3.88
CA LYS A 25 -8.34 -7.20 5.22
C LYS A 25 -8.09 -8.71 5.22
ZN ZN B . 0.05 -2.49 0.83
N PHE A 1 -4.27 1.83 4.71
CA PHE A 1 -3.42 2.96 4.24
C PHE A 1 -2.01 2.50 3.90
N VAL A 2 -1.47 3.00 2.81
CA VAL A 2 -0.12 2.64 2.37
C VAL A 2 0.91 2.95 3.45
N SER A 3 0.74 4.09 4.10
CA SER A 3 1.66 4.52 5.17
C SER A 3 1.67 3.51 6.31
N THR A 4 0.55 2.83 6.50
CA THR A 4 0.42 1.83 7.56
C THR A 4 0.37 0.42 6.98
N CYS A 5 0.95 0.24 5.80
CA CYS A 5 0.97 -1.06 5.15
C CYS A 5 1.78 -2.06 5.96
N TYR A 6 1.44 -3.34 5.83
CA TYR A 6 2.15 -4.40 6.55
C TYR A 6 3.15 -5.12 5.66
N LEU A 7 2.68 -5.52 4.48
CA LEU A 7 3.54 -6.23 3.52
C LEU A 7 4.42 -5.25 2.75
N PRO A 8 5.64 -5.66 2.39
CA PRO A 8 6.58 -4.81 1.64
C PRO A 8 6.17 -4.65 0.19
N LYS A 9 7.07 -4.11 -0.62
CA LYS A 9 6.80 -3.90 -2.04
C LYS A 9 5.60 -2.98 -2.24
N CYS A 10 5.40 -2.06 -1.30
CA CYS A 10 4.29 -1.12 -1.36
C CYS A 10 4.78 0.32 -1.24
N ALA A 11 3.95 1.26 -1.68
CA ALA A 11 4.31 2.68 -1.62
C ALA A 11 5.54 2.97 -2.46
N ALA A 12 5.33 3.30 -3.73
CA ALA A 12 6.43 3.60 -4.63
C ALA A 12 6.48 5.09 -4.97
N ALA A 13 5.31 5.71 -4.99
CA ALA A 13 5.22 7.14 -5.29
C ALA A 13 4.18 7.83 -4.41
N ALA A 14 4.01 7.31 -3.19
CA ALA A 14 3.06 7.88 -2.25
C ALA A 14 1.64 7.85 -2.81
N ASN A 15 1.02 6.67 -2.78
CA ASN A 15 -0.34 6.50 -3.29
C ASN A 15 -1.09 5.45 -2.48
N VAL A 16 -2.25 5.83 -1.96
CA VAL A 16 -3.07 4.91 -1.19
C VAL A 16 -3.67 3.82 -2.06
N ALA A 17 -4.13 4.21 -3.25
CA ALA A 17 -4.73 3.25 -4.18
C ALA A 17 -3.74 2.15 -4.53
N ALA A 18 -2.51 2.53 -4.86
CA ALA A 18 -1.47 1.57 -5.21
C ALA A 18 -1.24 0.57 -4.08
N HIS A 19 -1.66 0.94 -2.87
CA HIS A 19 -1.49 0.07 -1.71
C HIS A 19 -2.69 -0.88 -1.57
N ILE A 20 -3.86 -0.32 -1.30
CA ILE A 20 -5.07 -1.11 -1.13
C ILE A 20 -5.41 -1.91 -2.38
N THR A 21 -4.90 -1.48 -3.53
CA THR A 21 -5.16 -2.15 -4.80
C THR A 21 -4.94 -3.66 -4.67
N HIS A 22 -3.80 -4.04 -4.08
CA HIS A 22 -3.47 -5.44 -3.89
C HIS A 22 -3.57 -5.84 -2.43
N CYS A 23 -3.34 -4.87 -1.54
CA CYS A 23 -3.40 -5.11 -0.11
C CYS A 23 -4.84 -5.09 0.39
N TYR A 24 -5.17 -6.04 1.27
CA TYR A 24 -6.52 -6.13 1.81
C TYR A 24 -6.48 -6.67 3.25
N LYS A 25 -5.84 -7.81 3.43
CA LYS A 25 -5.74 -8.42 4.75
C LYS A 25 -4.86 -9.67 4.70
ZN ZN B . 0.28 -2.30 0.94
N PHE A 1 -4.24 2.24 4.77
CA PHE A 1 -3.40 3.21 4.03
C PHE A 1 -2.00 2.64 3.78
N VAL A 2 -1.37 3.08 2.70
CA VAL A 2 -0.03 2.62 2.35
C VAL A 2 0.96 2.94 3.47
N SER A 3 0.77 4.08 4.12
CA SER A 3 1.65 4.49 5.21
C SER A 3 1.61 3.47 6.35
N THR A 4 0.49 2.80 6.50
CA THR A 4 0.33 1.81 7.56
C THR A 4 0.32 0.39 6.98
N CYS A 5 0.93 0.22 5.81
CA CYS A 5 0.98 -1.08 5.16
C CYS A 5 1.80 -2.07 5.98
N TYR A 6 1.54 -3.35 5.80
CA TYR A 6 2.26 -4.40 6.54
C TYR A 6 3.23 -5.14 5.63
N LEU A 7 2.75 -5.54 4.46
CA LEU A 7 3.59 -6.27 3.50
C LEU A 7 4.46 -5.31 2.69
N PRO A 8 5.67 -5.74 2.32
CA PRO A 8 6.60 -4.92 1.54
C PRO A 8 6.14 -4.74 0.09
N LYS A 9 7.04 -4.22 -0.74
CA LYS A 9 6.73 -3.99 -2.15
C LYS A 9 5.54 -3.05 -2.30
N CYS A 10 5.39 -2.13 -1.36
CA CYS A 10 4.31 -1.16 -1.38
C CYS A 10 4.82 0.26 -1.25
N ALA A 11 3.97 1.23 -1.53
CA ALA A 11 4.35 2.64 -1.45
C ALA A 11 5.50 2.96 -2.39
N ALA A 12 5.16 3.36 -3.61
CA ALA A 12 6.17 3.69 -4.61
C ALA A 12 6.18 5.19 -4.90
N ALA A 13 5.00 5.81 -4.78
CA ALA A 13 4.87 7.24 -5.04
C ALA A 13 3.83 7.86 -4.12
N ALA A 14 3.76 7.37 -2.89
CA ALA A 14 2.81 7.87 -1.91
C ALA A 14 1.38 7.73 -2.41
N ASN A 15 1.14 6.69 -3.21
CA ASN A 15 -0.19 6.44 -3.74
C ASN A 15 -0.95 5.41 -2.90
N VAL A 16 -1.96 5.87 -2.19
CA VAL A 16 -2.76 4.99 -1.34
C VAL A 16 -3.42 3.88 -2.17
N ALA A 17 -3.90 4.24 -3.35
CA ALA A 17 -4.55 3.28 -4.23
C ALA A 17 -3.62 2.13 -4.58
N ALA A 18 -2.38 2.46 -4.91
CA ALA A 18 -1.38 1.45 -5.25
C ALA A 18 -1.18 0.46 -4.11
N HIS A 19 -1.57 0.87 -2.91
CA HIS A 19 -1.43 0.01 -1.73
C HIS A 19 -2.65 -0.90 -1.57
N ILE A 20 -3.81 -0.30 -1.29
CA ILE A 20 -5.04 -1.05 -1.10
C ILE A 20 -5.41 -1.86 -2.34
N THR A 21 -4.88 -1.46 -3.49
CA THR A 21 -5.17 -2.16 -4.74
C THR A 21 -4.98 -3.66 -4.60
N HIS A 22 -3.86 -4.06 -4.00
CA HIS A 22 -3.56 -5.47 -3.80
C HIS A 22 -3.65 -5.83 -2.31
N CYS A 23 -3.37 -4.86 -1.46
CA CYS A 23 -3.42 -5.08 -0.01
C CYS A 23 -4.85 -5.03 0.50
N TYR A 24 -5.20 -5.97 1.38
CA TYR A 24 -6.54 -6.03 1.95
C TYR A 24 -6.56 -6.84 3.23
N LYS A 25 -5.92 -8.02 3.18
CA LYS A 25 -5.87 -8.90 4.33
C LYS A 25 -4.92 -10.07 4.08
ZN ZN B . 0.31 -2.33 0.97
N PHE A 1 -4.59 2.54 3.67
CA PHE A 1 -3.47 3.51 3.73
C PHE A 1 -2.13 2.81 3.48
N VAL A 2 -1.35 3.38 2.56
CA VAL A 2 -0.05 2.81 2.22
C VAL A 2 0.87 2.78 3.44
N SER A 3 0.84 3.85 4.24
CA SER A 3 1.67 3.93 5.43
C SER A 3 1.34 2.82 6.41
N THR A 4 0.07 2.40 6.40
CA THR A 4 -0.38 1.32 7.29
C THR A 4 0.14 -0.03 6.81
N CYS A 5 0.47 -0.13 5.53
CA CYS A 5 0.98 -1.37 4.95
C CYS A 5 2.23 -1.84 5.68
N TYR A 6 2.23 -3.10 6.10
CA TYR A 6 3.37 -3.67 6.81
C TYR A 6 4.37 -4.27 5.84
N LEU A 7 3.87 -5.01 4.86
CA LEU A 7 4.73 -5.64 3.86
C LEU A 7 5.23 -4.61 2.85
N PRO A 8 6.49 -4.76 2.38
CA PRO A 8 7.08 -3.84 1.41
C PRO A 8 6.54 -4.06 0.00
N LYS A 9 7.19 -3.44 -0.97
CA LYS A 9 6.77 -3.56 -2.37
C LYS A 9 5.35 -3.05 -2.57
N CYS A 10 5.03 -1.97 -1.86
CA CYS A 10 3.69 -1.37 -1.96
C CYS A 10 3.77 0.15 -2.03
N ALA A 11 4.55 0.74 -1.12
CA ALA A 11 4.73 2.18 -1.08
C ALA A 11 5.90 2.62 -1.94
N ALA A 12 5.62 2.99 -3.19
CA ALA A 12 6.65 3.43 -4.11
C ALA A 12 6.58 4.93 -4.34
N ALA A 13 5.37 5.48 -4.29
CA ALA A 13 5.16 6.91 -4.50
C ALA A 13 4.08 7.44 -3.57
N ALA A 14 3.95 6.82 -2.40
CA ALA A 14 2.95 7.24 -1.42
C ALA A 14 1.55 7.18 -2.01
N ASN A 15 1.34 6.25 -2.94
CA ASN A 15 0.03 6.10 -3.57
C ASN A 15 -0.84 5.12 -2.79
N VAL A 16 -1.88 5.64 -2.16
CA VAL A 16 -2.79 4.81 -1.38
C VAL A 16 -3.52 3.80 -2.26
N ALA A 17 -3.91 4.25 -3.45
CA ALA A 17 -4.62 3.39 -4.39
C ALA A 17 -3.78 2.16 -4.75
N ALA A 18 -2.53 2.41 -5.14
CA ALA A 18 -1.62 1.33 -5.50
C ALA A 18 -1.45 0.33 -4.36
N HIS A 19 -1.76 0.77 -3.14
CA HIS A 19 -1.65 -0.09 -1.97
C HIS A 19 -2.94 -0.88 -1.74
N ILE A 20 -4.03 -0.17 -1.47
CA ILE A 20 -5.32 -0.81 -1.22
C ILE A 20 -5.79 -1.62 -2.43
N THR A 21 -5.22 -1.32 -3.59
CA THR A 21 -5.60 -2.03 -4.82
C THR A 21 -5.60 -3.55 -4.61
N HIS A 22 -4.53 -4.05 -4.00
CA HIS A 22 -4.41 -5.48 -3.73
C HIS A 22 -4.48 -5.78 -2.24
N CYS A 23 -4.03 -4.82 -1.43
CA CYS A 23 -4.05 -4.98 0.02
C CYS A 23 -5.46 -4.80 0.58
N TYR A 24 -5.91 -5.76 1.36
CA TYR A 24 -7.24 -5.71 1.96
C TYR A 24 -7.23 -6.29 3.37
N LYS A 25 -8.35 -6.16 4.06
CA LYS A 25 -8.47 -6.66 5.42
C LYS A 25 -7.46 -5.99 6.35
ZN ZN B . -0.07 -2.57 0.75
N PHE A 1 -4.34 2.15 4.03
CA PHE A 1 -3.32 3.24 3.92
C PHE A 1 -1.93 2.66 3.62
N VAL A 2 -1.37 3.08 2.49
CA VAL A 2 -0.06 2.60 2.08
C VAL A 2 1.00 2.93 3.13
N SER A 3 0.80 4.04 3.84
CA SER A 3 1.72 4.47 4.88
C SER A 3 1.75 3.47 6.03
N THR A 4 0.61 2.81 6.27
CA THR A 4 0.51 1.83 7.34
C THR A 4 0.41 0.41 6.79
N CYS A 5 0.97 0.20 5.60
CA CYS A 5 0.94 -1.10 4.96
C CYS A 5 1.74 -2.12 5.77
N TYR A 6 1.41 -3.40 5.61
CA TYR A 6 2.10 -4.46 6.33
C TYR A 6 3.19 -5.09 5.46
N LEU A 7 2.86 -5.39 4.21
CA LEU A 7 3.82 -5.99 3.29
C LEU A 7 4.66 -4.91 2.61
N PRO A 8 5.95 -5.21 2.35
CA PRO A 8 6.85 -4.26 1.70
C PRO A 8 6.61 -4.16 0.20
N LYS A 9 7.35 -3.27 -0.46
CA LYS A 9 7.20 -3.09 -1.90
C LYS A 9 5.79 -2.65 -2.27
N CYS A 10 5.26 -1.69 -1.50
CA CYS A 10 3.91 -1.20 -1.74
C CYS A 10 3.93 0.31 -1.98
N ALA A 11 4.69 1.02 -1.15
CA ALA A 11 4.80 2.47 -1.26
C ALA A 11 6.04 2.87 -2.06
N ALA A 12 5.83 3.27 -3.30
CA ALA A 12 6.92 3.69 -4.17
C ALA A 12 6.88 5.18 -4.45
N ALA A 13 5.67 5.73 -4.49
CA ALA A 13 5.50 7.17 -4.73
C ALA A 13 4.34 7.73 -3.90
N ALA A 14 4.12 7.14 -2.73
CA ALA A 14 3.06 7.58 -1.84
C ALA A 14 1.70 7.51 -2.53
N ASN A 15 1.16 6.29 -2.62
CA ASN A 15 -0.14 6.07 -3.26
C ASN A 15 -0.98 5.09 -2.45
N VAL A 16 -2.14 5.54 -1.99
CA VAL A 16 -3.04 4.71 -1.21
C VAL A 16 -3.73 3.67 -2.08
N ALA A 17 -4.17 4.10 -3.26
CA ALA A 17 -4.84 3.21 -4.19
C ALA A 17 -3.95 2.03 -4.57
N ALA A 18 -2.72 2.33 -4.99
CA ALA A 18 -1.77 1.31 -5.37
C ALA A 18 -1.53 0.32 -4.23
N HIS A 19 -1.85 0.74 -3.01
CA HIS A 19 -1.67 -0.10 -1.84
C HIS A 19 -2.91 -0.97 -1.60
N ILE A 20 -4.03 -0.34 -1.29
CA ILE A 20 -5.27 -1.04 -1.04
C ILE A 20 -5.72 -1.86 -2.24
N THR A 21 -5.26 -1.48 -3.43
CA THR A 21 -5.62 -2.19 -4.66
C THR A 21 -5.48 -3.69 -4.50
N HIS A 22 -4.36 -4.12 -3.91
CA HIS A 22 -4.10 -5.54 -3.69
C HIS A 22 -4.14 -5.89 -2.21
N CYS A 23 -3.73 -4.93 -1.38
CA CYS A 23 -3.72 -5.14 0.07
C CYS A 23 -5.13 -5.07 0.64
N TYR A 24 -5.46 -6.03 1.51
CA TYR A 24 -6.78 -6.08 2.13
C TYR A 24 -6.69 -6.57 3.56
N LYS A 25 -5.96 -7.67 3.76
CA LYS A 25 -5.79 -8.25 5.09
C LYS A 25 -4.82 -9.43 5.04
ZN ZN B . 0.11 -2.48 0.86
N PHE A 1 -4.14 1.88 4.83
CA PHE A 1 -3.34 2.98 4.25
C PHE A 1 -1.94 2.49 3.86
N VAL A 2 -1.42 3.00 2.75
CA VAL A 2 -0.10 2.63 2.28
C VAL A 2 0.97 2.95 3.31
N SER A 3 0.85 4.12 3.94
CA SER A 3 1.80 4.54 4.95
C SER A 3 1.82 3.57 6.13
N THR A 4 0.69 2.92 6.37
CA THR A 4 0.57 1.96 7.46
C THR A 4 0.51 0.54 6.94
N CYS A 5 1.04 0.31 5.74
CA CYS A 5 1.04 -1.02 5.14
C CYS A 5 1.90 -1.98 5.95
N TYR A 6 1.61 -3.27 5.83
CA TYR A 6 2.35 -4.29 6.55
C TYR A 6 3.30 -5.04 5.62
N LEU A 7 2.77 -5.48 4.48
CA LEU A 7 3.58 -6.22 3.51
C LEU A 7 4.43 -5.27 2.67
N PRO A 8 5.62 -5.74 2.23
CA PRO A 8 6.53 -4.92 1.42
C PRO A 8 6.00 -4.70 0.00
N LYS A 9 6.87 -4.20 -0.87
CA LYS A 9 6.50 -3.95 -2.26
C LYS A 9 5.33 -2.97 -2.34
N CYS A 10 5.27 -2.06 -1.37
CA CYS A 10 4.20 -1.06 -1.33
C CYS A 10 4.78 0.34 -1.09
N ALA A 11 3.97 1.35 -1.35
CA ALA A 11 4.40 2.74 -1.16
C ALA A 11 5.59 3.07 -2.03
N ALA A 12 5.32 3.40 -3.30
CA ALA A 12 6.37 3.73 -4.25
C ALA A 12 6.33 5.22 -4.61
N ALA A 13 5.13 5.79 -4.60
CA ALA A 13 4.95 7.20 -4.94
C ALA A 13 3.89 7.84 -4.04
N ALA A 14 3.80 7.37 -2.80
CA ALA A 14 2.83 7.90 -1.85
C ALA A 14 1.41 7.73 -2.36
N ASN A 15 1.19 6.67 -3.13
CA ASN A 15 -0.13 6.38 -3.70
C ASN A 15 -0.88 5.38 -2.83
N VAL A 16 -2.04 5.80 -2.31
CA VAL A 16 -2.85 4.94 -1.46
C VAL A 16 -3.50 3.83 -2.28
N ALA A 17 -3.96 4.17 -3.47
CA ALA A 17 -4.60 3.20 -4.36
C ALA A 17 -3.67 2.04 -4.66
N ALA A 18 -2.42 2.37 -5.01
CA ALA A 18 -1.43 1.35 -5.34
C ALA A 18 -1.23 0.38 -4.17
N HIS A 19 -1.63 0.81 -2.97
CA HIS A 19 -1.49 -0.02 -1.78
C HIS A 19 -2.71 -0.93 -1.61
N ILE A 20 -3.86 -0.32 -1.35
CA ILE A 20 -5.10 -1.07 -1.15
C ILE A 20 -5.47 -1.89 -2.39
N THR A 21 -4.96 -1.50 -3.54
CA THR A 21 -5.24 -2.21 -4.78
C THR A 21 -5.06 -3.73 -4.62
N HIS A 22 -3.94 -4.11 -4.02
CA HIS A 22 -3.64 -5.52 -3.79
C HIS A 22 -3.73 -5.86 -2.31
N CYS A 23 -3.48 -4.88 -1.45
CA CYS A 23 -3.54 -5.07 0.00
C CYS A 23 -4.98 -4.99 0.49
N TYR A 24 -5.33 -5.89 1.41
CA TYR A 24 -6.67 -5.93 1.96
C TYR A 24 -6.65 -6.38 3.42
N LYS A 25 -6.10 -7.57 3.65
CA LYS A 25 -6.02 -8.12 5.00
C LYS A 25 -5.19 -9.40 5.01
ZN ZN B . 0.22 -2.35 0.95
N PHE A 1 -4.15 1.87 4.68
CA PHE A 1 -3.34 3.01 4.19
C PHE A 1 -1.93 2.55 3.81
N VAL A 2 -1.43 3.06 2.69
CA VAL A 2 -0.10 2.70 2.21
C VAL A 2 0.97 3.04 3.25
N SER A 3 0.84 4.22 3.85
CA SER A 3 1.78 4.67 4.86
C SER A 3 1.84 3.70 6.03
N THR A 4 0.72 3.02 6.28
CA THR A 4 0.64 2.06 7.38
C THR A 4 0.55 0.63 6.86
N CYS A 5 1.08 0.40 5.66
CA CYS A 5 1.06 -0.92 5.06
C CYS A 5 1.91 -1.90 5.87
N TYR A 6 1.60 -3.19 5.74
CA TYR A 6 2.33 -4.22 6.47
C TYR A 6 3.30 -4.96 5.55
N LEU A 7 2.81 -5.37 4.39
CA LEU A 7 3.64 -6.08 3.43
C LEU A 7 4.49 -5.13 2.61
N PRO A 8 5.68 -5.56 2.17
CA PRO A 8 6.60 -4.73 1.38
C PRO A 8 6.09 -4.52 -0.04
N LYS A 9 6.96 -4.00 -0.90
CA LYS A 9 6.59 -3.74 -2.29
C LYS A 9 5.41 -2.77 -2.39
N CYS A 10 5.32 -1.88 -1.40
CA CYS A 10 4.24 -0.90 -1.37
C CYS A 10 4.79 0.51 -1.12
N ALA A 11 3.92 1.50 -1.25
CA ALA A 11 4.31 2.89 -1.03
C ALA A 11 5.42 3.30 -2.02
N ALA A 12 5.27 2.88 -3.26
CA ALA A 12 6.25 3.20 -4.29
C ALA A 12 6.27 4.70 -4.59
N ALA A 13 5.12 5.34 -4.43
CA ALA A 13 4.99 6.77 -4.67
C ALA A 13 3.98 7.41 -3.73
N ALA A 14 3.86 6.85 -2.53
CA ALA A 14 2.93 7.36 -1.53
C ALA A 14 1.50 7.33 -2.06
N ASN A 15 1.21 6.36 -2.91
CA ASN A 15 -0.13 6.22 -3.49
C ASN A 15 -0.97 5.25 -2.68
N VAL A 16 -2.10 5.73 -2.16
CA VAL A 16 -2.99 4.89 -1.37
C VAL A 16 -3.63 3.80 -2.22
N ALA A 17 -4.10 4.18 -3.42
CA ALA A 17 -4.73 3.24 -4.32
C ALA A 17 -3.78 2.10 -4.67
N ALA A 18 -2.54 2.46 -5.03
CA ALA A 18 -1.54 1.46 -5.37
C ALA A 18 -1.30 0.49 -4.23
N HIS A 19 -1.67 0.90 -3.02
CA HIS A 19 -1.50 0.05 -1.85
C HIS A 19 -2.70 -0.87 -1.65
N ILE A 20 -3.86 -0.29 -1.38
CA ILE A 20 -5.09 -1.06 -1.17
C ILE A 20 -5.45 -1.88 -2.40
N THR A 21 -4.96 -1.48 -3.56
CA THR A 21 -5.26 -2.19 -4.81
C THR A 21 -5.05 -3.69 -4.65
N HIS A 22 -3.91 -4.06 -4.06
CA HIS A 22 -3.58 -5.47 -3.85
C HIS A 22 -3.66 -5.83 -2.37
N CYS A 23 -3.43 -4.83 -1.52
CA CYS A 23 -3.47 -5.04 -0.07
C CYS A 23 -4.90 -4.99 0.44
N TYR A 24 -5.25 -5.94 1.30
CA TYR A 24 -6.60 -5.99 1.86
C TYR A 24 -6.55 -6.41 3.33
N LYS A 25 -5.91 -7.54 3.60
CA LYS A 25 -5.81 -8.04 4.96
C LYS A 25 -4.94 -9.30 5.01
ZN ZN B . 0.26 -2.27 0.87
N PHE A 1 -4.20 2.32 4.33
CA PHE A 1 -3.21 3.34 3.87
C PHE A 1 -1.85 2.69 3.58
N VAL A 2 -1.26 3.07 2.46
CA VAL A 2 0.04 2.53 2.06
C VAL A 2 1.10 2.80 3.13
N SER A 3 0.95 3.95 3.80
CA SER A 3 1.90 4.33 4.85
C SER A 3 1.85 3.36 6.02
N THR A 4 0.68 2.75 6.24
CA THR A 4 0.51 1.79 7.32
C THR A 4 0.41 0.37 6.79
N CYS A 5 0.96 0.14 5.61
CA CYS A 5 0.93 -1.18 4.99
C CYS A 5 1.73 -2.18 5.81
N TYR A 6 1.41 -3.46 5.68
CA TYR A 6 2.11 -4.51 6.40
C TYR A 6 3.22 -5.13 5.56
N LEU A 7 2.95 -5.29 4.27
CA LEU A 7 3.92 -5.87 3.35
C LEU A 7 4.70 -4.77 2.61
N PRO A 8 6.01 -4.99 2.36
CA PRO A 8 6.85 -4.03 1.66
C PRO A 8 6.57 -3.98 0.16
N LYS A 9 7.34 -3.18 -0.55
CA LYS A 9 7.18 -3.06 -1.99
C LYS A 9 5.77 -2.55 -2.34
N CYS A 10 5.20 -1.75 -1.46
CA CYS A 10 3.87 -1.20 -1.67
C CYS A 10 3.91 0.32 -1.81
N ALA A 11 4.77 0.95 -1.03
CA ALA A 11 4.91 2.40 -1.06
C ALA A 11 6.03 2.82 -2.01
N ALA A 12 5.66 3.21 -3.23
CA ALA A 12 6.63 3.63 -4.22
C ALA A 12 6.54 5.13 -4.49
N ALA A 13 5.33 5.67 -4.36
CA ALA A 13 5.10 7.09 -4.59
C ALA A 13 3.99 7.62 -3.68
N ALA A 14 3.88 7.03 -2.49
CA ALA A 14 2.87 7.43 -1.52
C ALA A 14 1.47 7.29 -2.11
N ASN A 15 1.30 6.31 -2.99
CA ASN A 15 0.00 6.06 -3.61
C ASN A 15 -0.84 5.12 -2.76
N VAL A 16 -1.96 5.62 -2.25
CA VAL A 16 -2.86 4.83 -1.41
C VAL A 16 -3.56 3.77 -2.24
N ALA A 17 -4.03 4.15 -3.42
CA ALA A 17 -4.73 3.23 -4.31
C ALA A 17 -3.85 2.03 -4.66
N ALA A 18 -2.60 2.31 -5.03
CA ALA A 18 -1.65 1.26 -5.38
C ALA A 18 -1.46 0.28 -4.22
N HIS A 19 -1.80 0.72 -3.01
CA HIS A 19 -1.67 -0.11 -1.83
C HIS A 19 -2.92 -0.96 -1.61
N ILE A 20 -4.04 -0.30 -1.31
CA ILE A 20 -5.30 -0.98 -1.07
C ILE A 20 -5.75 -1.79 -2.29
N THR A 21 -5.21 -1.46 -3.46
CA THR A 21 -5.58 -2.17 -4.69
C THR A 21 -5.48 -3.69 -4.50
N HIS A 22 -4.37 -4.13 -3.93
CA HIS A 22 -4.15 -5.55 -3.70
C HIS A 22 -4.22 -5.87 -2.21
N CYS A 23 -3.85 -4.90 -1.38
CA CYS A 23 -3.88 -5.08 0.07
C CYS A 23 -5.29 -4.94 0.61
N TYR A 24 -5.87 -6.07 1.02
CA TYR A 24 -7.23 -6.06 1.56
C TYR A 24 -7.22 -5.75 3.05
N LYS A 25 -6.67 -6.65 3.86
CA LYS A 25 -6.59 -6.46 5.29
C LYS A 25 -5.23 -5.91 5.70
ZN ZN B . 0.03 -2.52 0.87
N PHE A 1 -4.14 1.65 4.50
CA PHE A 1 -3.30 2.87 4.30
C PHE A 1 -1.89 2.48 3.86
N VAL A 2 -1.46 3.05 2.74
CA VAL A 2 -0.13 2.76 2.21
C VAL A 2 0.95 3.12 3.22
N SER A 3 0.68 4.14 4.03
CA SER A 3 1.63 4.59 5.05
C SER A 3 1.71 3.59 6.19
N THR A 4 0.61 2.89 6.44
CA THR A 4 0.56 1.90 7.52
C THR A 4 0.52 0.48 6.96
N CYS A 5 1.03 0.31 5.75
CA CYS A 5 1.06 -1.00 5.11
C CYS A 5 1.97 -1.96 5.88
N TYR A 6 1.59 -3.23 5.91
CA TYR A 6 2.36 -4.25 6.61
C TYR A 6 3.34 -4.95 5.67
N LEU A 7 2.84 -5.39 4.52
CA LEU A 7 3.66 -6.07 3.54
C LEU A 7 4.51 -5.09 2.74
N PRO A 8 5.74 -5.48 2.37
CA PRO A 8 6.64 -4.62 1.60
C PRO A 8 6.20 -4.47 0.14
N LYS A 9 7.09 -3.91 -0.68
CA LYS A 9 6.79 -3.72 -2.09
C LYS A 9 5.57 -2.83 -2.28
N CYS A 10 5.38 -1.89 -1.35
CA CYS A 10 4.25 -0.98 -1.41
C CYS A 10 4.71 0.47 -1.27
N ALA A 11 3.79 1.41 -1.48
CA ALA A 11 4.10 2.82 -1.38
C ALA A 11 5.18 3.22 -2.39
N ALA A 12 5.03 2.73 -3.62
CA ALA A 12 5.98 3.04 -4.68
C ALA A 12 6.06 4.55 -4.93
N ALA A 13 4.94 5.24 -4.71
CA ALA A 13 4.89 6.67 -4.91
C ALA A 13 3.98 7.34 -3.88
N ALA A 14 3.92 6.75 -2.69
CA ALA A 14 3.09 7.29 -1.62
C ALA A 14 1.63 7.36 -2.03
N ASN A 15 1.21 6.45 -2.90
CA ASN A 15 -0.16 6.41 -3.38
C ASN A 15 -0.98 5.39 -2.59
N VAL A 16 -2.12 5.84 -2.06
CA VAL A 16 -2.99 4.97 -1.28
C VAL A 16 -3.61 3.88 -2.16
N ALA A 17 -4.07 4.28 -3.35
CA ALA A 17 -4.68 3.34 -4.27
C ALA A 17 -3.70 2.22 -4.63
N ALA A 18 -2.47 2.59 -4.94
CA ALA A 18 -1.45 1.62 -5.29
C ALA A 18 -1.23 0.61 -4.16
N HIS A 19 -1.65 0.99 -2.95
CA HIS A 19 -1.49 0.12 -1.78
C HIS A 19 -2.69 -0.82 -1.65
N ILE A 20 -3.86 -0.25 -1.38
CA ILE A 20 -5.08 -1.03 -1.21
C ILE A 20 -5.42 -1.83 -2.47
N THR A 21 -4.89 -1.40 -3.61
CA THR A 21 -5.16 -2.08 -4.87
C THR A 21 -4.95 -3.59 -4.73
N HIS A 22 -3.83 -3.98 -4.15
CA HIS A 22 -3.52 -5.39 -3.95
C HIS A 22 -3.61 -5.77 -2.49
N CYS A 23 -3.36 -4.81 -1.60
CA CYS A 23 -3.43 -5.04 -0.16
C CYS A 23 -4.87 -5.01 0.32
N TYR A 24 -5.33 -6.13 0.88
CA TYR A 24 -6.70 -6.23 1.39
C TYR A 24 -6.71 -6.80 2.80
N LYS A 25 -7.90 -7.00 3.35
CA LYS A 25 -8.05 -7.54 4.69
C LYS A 25 -8.07 -9.07 4.67
ZN ZN B . 0.26 -2.26 0.88
N PHE A 1 -4.24 2.26 4.54
CA PHE A 1 -3.30 3.30 4.08
C PHE A 1 -1.92 2.71 3.77
N VAL A 2 -1.32 3.18 2.69
CA VAL A 2 0.00 2.71 2.29
C VAL A 2 1.03 2.97 3.38
N SER A 3 0.84 4.04 4.13
CA SER A 3 1.75 4.40 5.21
C SER A 3 1.74 3.35 6.31
N THR A 4 0.58 2.70 6.49
CA THR A 4 0.44 1.68 7.51
C THR A 4 0.33 0.29 6.89
N CYS A 5 0.93 0.14 5.71
CA CYS A 5 0.91 -1.14 5.00
C CYS A 5 1.67 -2.20 5.78
N TYR A 6 1.34 -3.46 5.54
CA TYR A 6 2.00 -4.57 6.21
C TYR A 6 3.12 -5.15 5.36
N LEU A 7 2.82 -5.38 4.08
CA LEU A 7 3.81 -5.94 3.16
C LEU A 7 4.66 -4.83 2.53
N PRO A 8 5.94 -5.13 2.28
CA PRO A 8 6.87 -4.15 1.69
C PRO A 8 6.64 -3.96 0.19
N LYS A 9 7.49 -3.15 -0.43
CA LYS A 9 7.38 -2.90 -1.86
C LYS A 9 6.02 -2.30 -2.22
N CYS A 10 5.45 -1.55 -1.27
CA CYS A 10 4.15 -0.92 -1.48
C CYS A 10 4.27 0.60 -1.47
N ALA A 11 5.16 1.12 -0.64
CA ALA A 11 5.37 2.56 -0.54
C ALA A 11 6.34 3.04 -1.62
N ALA A 12 6.00 2.78 -2.88
CA ALA A 12 6.83 3.20 -4.00
C ALA A 12 6.15 4.28 -4.82
N ALA A 13 4.82 4.22 -4.89
CA ALA A 13 4.05 5.20 -5.64
C ALA A 13 3.58 6.35 -4.73
N ALA A 14 3.55 6.10 -3.43
CA ALA A 14 3.11 7.10 -2.47
C ALA A 14 1.63 7.42 -2.63
N ASN A 15 0.86 6.41 -3.05
CA ASN A 15 -0.57 6.58 -3.25
C ASN A 15 -1.35 5.50 -2.50
N VAL A 16 -2.39 5.91 -1.79
CA VAL A 16 -3.22 4.98 -1.03
C VAL A 16 -3.83 3.92 -1.94
N ALA A 17 -4.29 4.35 -3.12
CA ALA A 17 -4.89 3.43 -4.07
C ALA A 17 -3.92 2.34 -4.47
N ALA A 18 -2.69 2.73 -4.81
CA ALA A 18 -1.66 1.77 -5.20
C ALA A 18 -1.40 0.75 -4.10
N HIS A 19 -1.80 1.09 -2.88
CA HIS A 19 -1.61 0.19 -1.74
C HIS A 19 -2.80 -0.77 -1.61
N ILE A 20 -3.97 -0.21 -1.31
CA ILE A 20 -5.17 -1.02 -1.13
C ILE A 20 -5.54 -1.79 -2.41
N THR A 21 -5.03 -1.32 -3.56
CA THR A 21 -5.32 -1.97 -4.83
C THR A 21 -5.10 -3.48 -4.75
N HIS A 22 -3.97 -3.88 -4.18
CA HIS A 22 -3.65 -5.30 -4.04
C HIS A 22 -3.72 -5.72 -2.58
N CYS A 23 -3.47 -4.78 -1.68
CA CYS A 23 -3.51 -5.06 -0.24
C CYS A 23 -4.95 -5.05 0.27
N TYR A 24 -5.48 -6.23 0.54
CA TYR A 24 -6.84 -6.37 1.04
C TYR A 24 -6.92 -7.45 2.11
N LYS A 25 -8.14 -7.70 2.59
CA LYS A 25 -8.36 -8.72 3.63
C LYS A 25 -9.68 -9.43 3.41
ZN ZN B . 0.18 -2.27 0.80
N PHE A 1 -4.18 1.56 4.52
CA PHE A 1 -3.31 2.76 4.35
C PHE A 1 -1.91 2.37 3.89
N VAL A 2 -1.49 2.96 2.77
CA VAL A 2 -0.17 2.66 2.22
C VAL A 2 0.93 3.01 3.22
N SER A 3 0.68 4.00 4.06
CA SER A 3 1.64 4.43 5.07
C SER A 3 1.70 3.43 6.22
N THR A 4 0.59 2.76 6.47
CA THR A 4 0.52 1.77 7.55
C THR A 4 0.59 0.35 7.01
N CYS A 5 1.03 0.20 5.76
CA CYS A 5 1.14 -1.11 5.14
C CYS A 5 2.19 -1.96 5.85
N TYR A 6 1.81 -3.19 6.21
CA TYR A 6 2.71 -4.10 6.89
C TYR A 6 3.56 -4.89 5.90
N LEU A 7 2.93 -5.36 4.83
CA LEU A 7 3.64 -6.12 3.80
C LEU A 7 4.48 -5.21 2.92
N PRO A 8 5.65 -5.70 2.46
CA PRO A 8 6.54 -4.91 1.60
C PRO A 8 6.00 -4.78 0.18
N LYS A 9 6.85 -4.29 -0.73
CA LYS A 9 6.46 -4.11 -2.12
C LYS A 9 5.28 -3.15 -2.24
N CYS A 10 5.28 -2.12 -1.40
CA CYS A 10 4.21 -1.12 -1.41
C CYS A 10 4.78 0.28 -1.22
N ALA A 11 3.94 1.28 -1.49
CA ALA A 11 4.35 2.67 -1.34
C ALA A 11 5.52 2.99 -2.27
N ALA A 12 5.21 3.32 -3.51
CA ALA A 12 6.24 3.65 -4.49
C ALA A 12 6.20 5.13 -4.85
N ALA A 13 5.01 5.71 -4.81
CA ALA A 13 4.84 7.13 -5.12
C ALA A 13 3.88 7.80 -4.14
N ALA A 14 3.86 7.30 -2.91
CA ALA A 14 2.98 7.85 -1.89
C ALA A 14 1.52 7.78 -2.30
N ASN A 15 1.19 6.76 -3.08
CA ASN A 15 -0.17 6.57 -3.56
C ASN A 15 -0.91 5.54 -2.69
N VAL A 16 -2.10 5.90 -2.23
CA VAL A 16 -2.89 5.00 -1.40
C VAL A 16 -3.54 3.91 -2.24
N ALA A 17 -4.00 4.27 -3.43
CA ALA A 17 -4.64 3.31 -4.32
C ALA A 17 -3.69 2.17 -4.67
N ALA A 18 -2.44 2.51 -4.98
CA ALA A 18 -1.43 1.52 -5.32
C ALA A 18 -1.23 0.52 -4.18
N HIS A 19 -1.65 0.91 -2.97
CA HIS A 19 -1.53 0.05 -1.81
C HIS A 19 -2.73 -0.87 -1.66
N ILE A 20 -3.90 -0.28 -1.40
CA ILE A 20 -5.12 -1.04 -1.23
C ILE A 20 -5.48 -1.84 -2.48
N THR A 21 -4.94 -1.43 -3.63
CA THR A 21 -5.21 -2.12 -4.89
C THR A 21 -5.03 -3.63 -4.74
N HIS A 22 -3.91 -4.02 -4.15
CA HIS A 22 -3.62 -5.44 -3.95
C HIS A 22 -3.73 -5.81 -2.48
N CYS A 23 -3.46 -4.84 -1.60
CA CYS A 23 -3.53 -5.06 -0.16
C CYS A 23 -4.97 -5.01 0.33
N TYR A 24 -5.44 -6.11 0.93
CA TYR A 24 -6.79 -6.18 1.44
C TYR A 24 -6.82 -6.77 2.85
N LYS A 25 -7.76 -6.32 3.66
CA LYS A 25 -7.89 -6.81 5.03
C LYS A 25 -6.63 -6.52 5.83
ZN ZN B . 0.20 -2.33 0.88
N PHE A 1 -4.54 2.90 4.29
CA PHE A 1 -3.46 3.79 3.77
C PHE A 1 -2.20 2.99 3.45
N VAL A 2 -1.39 3.52 2.55
CA VAL A 2 -0.15 2.85 2.15
C VAL A 2 0.89 2.92 3.27
N SER A 3 0.97 4.07 3.94
CA SER A 3 1.92 4.26 5.01
C SER A 3 1.67 3.26 6.14
N THR A 4 0.41 2.89 6.32
CA THR A 4 0.03 1.94 7.36
C THR A 4 0.42 0.51 6.96
N CYS A 5 0.62 0.29 5.67
CA CYS A 5 0.99 -1.02 5.16
C CYS A 5 2.22 -1.57 5.88
N TYR A 6 2.41 -2.88 5.82
CA TYR A 6 3.54 -3.52 6.47
C TYR A 6 4.33 -4.38 5.48
N LEU A 7 3.61 -5.10 4.63
CA LEU A 7 4.24 -5.97 3.64
C LEU A 7 4.84 -5.16 2.49
N PRO A 8 5.97 -5.62 1.94
CA PRO A 8 6.64 -4.92 0.83
C PRO A 8 5.72 -4.71 -0.37
N LYS A 9 6.32 -4.38 -1.51
CA LYS A 9 5.55 -4.14 -2.73
C LYS A 9 4.50 -3.05 -2.51
N CYS A 10 4.80 -2.11 -1.64
CA CYS A 10 3.89 -1.01 -1.33
C CYS A 10 4.66 0.24 -0.91
N ALA A 11 4.02 1.40 -1.04
CA ALA A 11 4.64 2.66 -0.66
C ALA A 11 5.88 2.93 -1.51
N ALA A 12 5.67 3.27 -2.78
CA ALA A 12 6.77 3.54 -3.69
C ALA A 12 6.81 5.02 -4.06
N ALA A 13 5.63 5.65 -4.10
CA ALA A 13 5.54 7.06 -4.44
C ALA A 13 4.35 7.72 -3.73
N ALA A 14 4.03 7.21 -2.54
CA ALA A 14 2.91 7.75 -1.77
C ALA A 14 1.60 7.63 -2.53
N ASN A 15 1.03 6.43 -2.53
CA ASN A 15 -0.23 6.18 -3.23
C ASN A 15 -1.08 5.16 -2.47
N VAL A 16 -2.27 5.57 -2.06
CA VAL A 16 -3.17 4.69 -1.33
C VAL A 16 -3.77 3.63 -2.26
N ALA A 17 -4.14 4.04 -3.47
CA ALA A 17 -4.72 3.12 -4.44
C ALA A 17 -3.77 1.98 -4.75
N ALA A 18 -2.51 2.31 -5.06
CA ALA A 18 -1.50 1.31 -5.37
C ALA A 18 -1.32 0.34 -4.22
N HIS A 19 -1.74 0.74 -3.02
CA HIS A 19 -1.62 -0.10 -1.84
C HIS A 19 -2.84 -1.00 -1.68
N ILE A 20 -4.00 -0.39 -1.47
CA ILE A 20 -5.25 -1.13 -1.30
C ILE A 20 -5.59 -1.95 -2.53
N THR A 21 -4.98 -1.62 -3.67
CA THR A 21 -5.23 -2.34 -4.92
C THR A 21 -5.11 -3.85 -4.71
N HIS A 22 -4.04 -4.27 -4.07
CA HIS A 22 -3.80 -5.69 -3.81
C HIS A 22 -3.96 -6.00 -2.33
N CYS A 23 -3.65 -5.02 -1.48
CA CYS A 23 -3.77 -5.19 -0.04
C CYS A 23 -5.21 -5.11 0.42
N TYR A 24 -5.67 -6.16 1.10
CA TYR A 24 -7.04 -6.20 1.59
C TYR A 24 -7.13 -7.02 2.89
N LYS A 25 -8.36 -7.19 3.39
CA LYS A 25 -8.57 -7.94 4.61
C LYS A 25 -9.89 -8.71 4.55
ZN ZN B . -0.03 -2.46 0.96
N PHE A 1 -4.57 2.72 4.40
CA PHE A 1 -3.51 3.66 3.96
C PHE A 1 -2.26 2.91 3.52
N VAL A 2 -1.50 3.51 2.60
CA VAL A 2 -0.28 2.90 2.11
C VAL A 2 0.82 2.91 3.17
N SER A 3 0.95 4.05 3.86
CA SER A 3 1.95 4.19 4.90
C SER A 3 1.75 3.15 6.00
N THR A 4 0.50 2.95 6.39
CA THR A 4 0.17 1.99 7.43
C THR A 4 0.54 0.56 7.00
N CYS A 5 0.69 0.36 5.70
CA CYS A 5 1.05 -0.95 5.17
C CYS A 5 2.33 -1.48 5.81
N TYR A 6 2.45 -2.79 5.87
CA TYR A 6 3.63 -3.43 6.46
C TYR A 6 4.36 -4.30 5.44
N LEU A 7 3.59 -4.96 4.58
CA LEU A 7 4.17 -5.83 3.56
C LEU A 7 4.79 -5.02 2.43
N PRO A 8 5.93 -5.47 1.88
CA PRO A 8 6.62 -4.78 0.79
C PRO A 8 5.71 -4.55 -0.42
N LYS A 9 6.31 -4.18 -1.54
CA LYS A 9 5.55 -3.93 -2.77
C LYS A 9 4.49 -2.87 -2.54
N CYS A 10 4.79 -1.93 -1.65
CA CYS A 10 3.85 -0.85 -1.34
C CYS A 10 4.60 0.40 -0.90
N ALA A 11 3.91 1.54 -0.90
CA ALA A 11 4.50 2.81 -0.51
C ALA A 11 5.67 3.18 -1.42
N ALA A 12 5.51 2.90 -2.72
CA ALA A 12 6.54 3.20 -3.69
C ALA A 12 6.54 4.69 -4.05
N ALA A 13 5.37 5.30 -4.00
CA ALA A 13 5.23 6.72 -4.33
C ALA A 13 4.13 7.37 -3.49
N ALA A 14 3.94 6.86 -2.27
CA ALA A 14 2.92 7.39 -1.38
C ALA A 14 1.54 7.30 -1.99
N ASN A 15 1.33 6.27 -2.83
CA ASN A 15 0.05 6.07 -3.49
C ASN A 15 -0.83 5.12 -2.69
N VAL A 16 -1.98 5.62 -2.23
CA VAL A 16 -2.91 4.81 -1.45
C VAL A 16 -3.58 3.75 -2.32
N ALA A 17 -4.00 4.15 -3.51
CA ALA A 17 -4.65 3.24 -4.44
C ALA A 17 -3.75 2.06 -4.77
N ALA A 18 -2.49 2.34 -5.08
CA ALA A 18 -1.52 1.31 -5.42
C ALA A 18 -1.34 0.34 -4.25
N HIS A 19 -1.73 0.75 -3.06
CA HIS A 19 -1.61 -0.08 -1.88
C HIS A 19 -2.83 -0.99 -1.71
N ILE A 20 -3.99 -0.37 -1.50
CA ILE A 20 -5.23 -1.12 -1.32
C ILE A 20 -5.59 -1.94 -2.57
N THR A 21 -4.99 -1.59 -3.70
CA THR A 21 -5.25 -2.31 -4.95
C THR A 21 -5.10 -3.82 -4.77
N HIS A 22 -4.04 -4.23 -4.08
CA HIS A 22 -3.80 -5.64 -3.84
C HIS A 22 -3.94 -5.97 -2.36
N CYS A 23 -3.60 -5.01 -1.50
CA CYS A 23 -3.69 -5.21 -0.06
C CYS A 23 -5.14 -5.18 0.40
N TYR A 24 -5.51 -6.14 1.24
CA TYR A 24 -6.87 -6.23 1.75
C TYR A 24 -6.92 -7.08 3.02
N LYS A 25 -8.12 -7.30 3.54
CA LYS A 25 -8.31 -8.10 4.74
C LYS A 25 -8.85 -9.48 4.41
ZN ZN B . -0.01 -2.42 0.95
N PHE A 1 -3.83 1.81 4.35
CA PHE A 1 -2.87 2.93 4.11
C PHE A 1 -1.53 2.40 3.61
N VAL A 2 -1.10 2.90 2.45
CA VAL A 2 0.16 2.48 1.85
C VAL A 2 1.33 2.77 2.79
N SER A 3 1.33 3.96 3.37
CA SER A 3 2.39 4.37 4.29
C SER A 3 2.42 3.45 5.51
N THR A 4 1.26 2.93 5.89
CA THR A 4 1.15 2.04 7.04
C THR A 4 0.81 0.62 6.62
N CYS A 5 1.25 0.25 5.42
CA CYS A 5 0.99 -1.09 4.89
C CYS A 5 1.69 -2.15 5.73
N TYR A 6 1.10 -3.34 5.80
CA TYR A 6 1.67 -4.44 6.56
C TYR A 6 2.82 -5.10 5.82
N LEU A 7 2.60 -5.42 4.54
CA LEU A 7 3.62 -6.06 3.73
C LEU A 7 4.52 -5.02 3.06
N PRO A 8 5.80 -5.35 2.85
CA PRO A 8 6.76 -4.43 2.21
C PRO A 8 6.52 -4.30 0.71
N LYS A 9 7.41 -3.57 0.05
CA LYS A 9 7.30 -3.36 -1.40
C LYS A 9 5.96 -2.72 -1.75
N CYS A 10 5.47 -1.86 -0.86
CA CYS A 10 4.20 -1.17 -1.07
C CYS A 10 4.33 0.32 -0.81
N ALA A 11 5.14 0.99 -1.63
CA ALA A 11 5.35 2.43 -1.48
C ALA A 11 6.26 2.96 -2.59
N ALA A 12 5.65 3.45 -3.66
CA ALA A 12 6.40 3.99 -4.78
C ALA A 12 6.25 5.51 -4.87
N ALA A 13 5.08 6.00 -4.45
CA ALA A 13 4.81 7.43 -4.48
C ALA A 13 3.74 7.81 -3.46
N ALA A 14 3.69 7.06 -2.36
CA ALA A 14 2.72 7.32 -1.30
C ALA A 14 1.29 7.22 -1.83
N ASN A 15 1.09 6.33 -2.81
CA ASN A 15 -0.23 6.14 -3.40
C ASN A 15 -1.06 5.16 -2.58
N VAL A 16 -2.19 5.63 -2.07
CA VAL A 16 -3.08 4.79 -1.27
C VAL A 16 -3.79 3.75 -2.13
N ALA A 17 -4.30 4.20 -3.27
CA ALA A 17 -5.01 3.31 -4.18
C ALA A 17 -4.12 2.15 -4.62
N ALA A 18 -2.89 2.48 -5.02
CA ALA A 18 -1.94 1.47 -5.46
C ALA A 18 -1.66 0.45 -4.35
N HIS A 19 -1.97 0.83 -3.12
CA HIS A 19 -1.77 -0.06 -1.97
C HIS A 19 -2.97 -0.97 -1.75
N ILE A 20 -4.11 -0.36 -1.42
CA ILE A 20 -5.34 -1.11 -1.17
C ILE A 20 -5.78 -1.90 -2.40
N THR A 21 -5.35 -1.46 -3.58
CA THR A 21 -5.70 -2.12 -4.83
C THR A 21 -5.51 -3.63 -4.73
N HIS A 22 -4.36 -4.04 -4.22
CA HIS A 22 -4.05 -5.45 -4.07
C HIS A 22 -4.08 -5.86 -2.60
N CYS A 23 -3.79 -4.91 -1.72
CA CYS A 23 -3.79 -5.16 -0.28
C CYS A 23 -5.21 -5.10 0.29
N TYR A 24 -5.73 -6.26 0.66
CA TYR A 24 -7.09 -6.34 1.22
C TYR A 24 -7.13 -7.30 2.40
N LYS A 25 -7.68 -6.83 3.52
CA LYS A 25 -7.78 -7.64 4.72
C LYS A 25 -8.61 -8.90 4.46
ZN ZN B . 0.01 -2.48 0.72
N PHE A 1 -4.63 2.47 3.79
CA PHE A 1 -3.52 3.46 3.95
C PHE A 1 -2.15 2.80 3.77
N VAL A 2 -1.45 3.18 2.71
CA VAL A 2 -0.13 2.62 2.43
C VAL A 2 0.83 2.90 3.57
N SER A 3 0.63 4.02 4.26
CA SER A 3 1.48 4.40 5.37
C SER A 3 1.41 3.37 6.49
N THR A 4 0.27 2.70 6.61
CA THR A 4 0.07 1.69 7.63
C THR A 4 0.26 0.27 7.08
N CYS A 5 0.80 0.18 5.86
CA CYS A 5 1.02 -1.12 5.24
C CYS A 5 2.06 -1.92 6.01
N TYR A 6 1.98 -3.24 5.91
CA TYR A 6 2.92 -4.12 6.60
C TYR A 6 3.78 -4.90 5.61
N LEU A 7 3.14 -5.42 4.56
CA LEU A 7 3.85 -6.19 3.54
C LEU A 7 4.65 -5.26 2.62
N PRO A 8 5.80 -5.74 2.13
CA PRO A 8 6.66 -4.95 1.24
C PRO A 8 6.04 -4.76 -0.14
N LYS A 9 6.84 -4.27 -1.09
CA LYS A 9 6.38 -4.03 -2.44
C LYS A 9 5.22 -3.04 -2.46
N CYS A 10 5.23 -2.12 -1.50
CA CYS A 10 4.18 -1.11 -1.40
C CYS A 10 4.77 0.28 -1.17
N ALA A 11 3.97 1.31 -1.41
CA ALA A 11 4.42 2.69 -1.22
C ALA A 11 5.61 3.01 -2.11
N ALA A 12 5.33 3.30 -3.37
CA ALA A 12 6.39 3.63 -4.33
C ALA A 12 6.34 5.11 -4.71
N ALA A 13 5.15 5.69 -4.70
CA ALA A 13 4.97 7.09 -5.04
C ALA A 13 3.97 7.76 -4.11
N ALA A 14 3.90 7.28 -2.88
CA ALA A 14 2.97 7.82 -1.89
C ALA A 14 1.53 7.71 -2.36
N ASN A 15 1.26 6.66 -3.14
CA ASN A 15 -0.09 6.42 -3.66
C ASN A 15 -0.84 5.41 -2.79
N VAL A 16 -1.99 5.84 -2.27
CA VAL A 16 -2.80 4.96 -1.42
C VAL A 16 -3.45 3.86 -2.24
N ALA A 17 -3.93 4.22 -3.44
CA ALA A 17 -4.58 3.25 -4.31
C ALA A 17 -3.64 2.09 -4.63
N ALA A 18 -2.39 2.42 -4.96
CA ALA A 18 -1.41 1.39 -5.28
C ALA A 18 -1.20 0.42 -4.13
N HIS A 19 -1.62 0.84 -2.93
CA HIS A 19 -1.49 0.00 -1.74
C HIS A 19 -2.72 -0.90 -1.58
N ILE A 20 -3.87 -0.28 -1.31
CA ILE A 20 -5.11 -1.01 -1.11
C ILE A 20 -5.48 -1.84 -2.35
N THR A 21 -4.93 -1.48 -3.50
CA THR A 21 -5.22 -2.19 -4.75
C THR A 21 -5.06 -3.69 -4.56
N HIS A 22 -3.94 -4.10 -3.97
CA HIS A 22 -3.66 -5.51 -3.73
C HIS A 22 -3.77 -5.85 -2.25
N CYS A 23 -3.46 -4.87 -1.40
CA CYS A 23 -3.52 -5.06 0.04
C CYS A 23 -4.96 -4.99 0.54
N TYR A 24 -5.33 -5.93 1.40
CA TYR A 24 -6.68 -5.97 1.95
C TYR A 24 -6.66 -6.53 3.38
N LYS A 25 -6.24 -7.79 3.51
CA LYS A 25 -6.18 -8.43 4.82
C LYS A 25 -5.58 -9.83 4.71
ZN ZN B . 0.23 -2.33 0.99
N PHE A 1 -4.04 2.33 5.21
CA PHE A 1 -3.39 3.10 4.11
C PHE A 1 -1.99 2.59 3.82
N VAL A 2 -1.41 3.07 2.72
CA VAL A 2 -0.07 2.66 2.33
C VAL A 2 0.95 2.97 3.43
N SER A 3 0.72 4.08 4.13
CA SER A 3 1.61 4.49 5.22
C SER A 3 1.59 3.46 6.35
N THR A 4 0.46 2.79 6.52
CA THR A 4 0.32 1.79 7.57
C THR A 4 0.32 0.38 6.99
N CYS A 5 0.91 0.23 5.81
CA CYS A 5 0.98 -1.08 5.15
C CYS A 5 1.83 -2.05 5.97
N TYR A 6 1.59 -3.35 5.78
CA TYR A 6 2.34 -4.37 6.50
C TYR A 6 3.27 -5.13 5.56
N LEU A 7 2.73 -5.58 4.44
CA LEU A 7 3.52 -6.33 3.46
C LEU A 7 4.39 -5.38 2.62
N PRO A 8 5.71 -5.64 2.57
CA PRO A 8 6.63 -4.80 1.79
C PRO A 8 6.23 -4.68 0.33
N LYS A 9 7.14 -4.18 -0.50
CA LYS A 9 6.88 -4.02 -1.93
C LYS A 9 5.67 -3.13 -2.16
N CYS A 10 5.46 -2.17 -1.25
CA CYS A 10 4.34 -1.25 -1.36
C CYS A 10 4.82 0.20 -1.29
N ALA A 11 3.92 1.13 -1.62
CA ALA A 11 4.26 2.55 -1.59
C ALA A 11 5.40 2.87 -2.55
N ALA A 12 5.05 3.25 -3.77
CA ALA A 12 6.04 3.58 -4.79
C ALA A 12 6.04 5.07 -5.09
N ALA A 13 4.86 5.69 -4.97
CA ALA A 13 4.73 7.11 -5.24
C ALA A 13 3.81 7.77 -4.21
N ALA A 14 3.82 7.24 -2.99
CA ALA A 14 2.99 7.78 -1.92
C ALA A 14 1.52 7.74 -2.29
N ASN A 15 1.13 6.75 -3.09
CA ASN A 15 -0.25 6.60 -3.52
C ASN A 15 -0.97 5.55 -2.69
N VAL A 16 -2.11 5.93 -2.12
CA VAL A 16 -2.90 5.01 -1.30
C VAL A 16 -3.52 3.91 -2.15
N ALA A 17 -3.99 4.28 -3.34
CA ALA A 17 -4.61 3.31 -4.23
C ALA A 17 -3.64 2.18 -4.58
N ALA A 18 -2.41 2.55 -4.89
CA ALA A 18 -1.38 1.57 -5.24
C ALA A 18 -1.17 0.57 -4.10
N HIS A 19 -1.60 0.94 -2.89
CA HIS A 19 -1.45 0.09 -1.73
C HIS A 19 -2.65 -0.86 -1.60
N ILE A 20 -3.82 -0.28 -1.33
CA ILE A 20 -5.04 -1.06 -1.16
C ILE A 20 -5.38 -1.86 -2.42
N THR A 21 -4.85 -1.43 -3.56
CA THR A 21 -5.12 -2.12 -4.83
C THR A 21 -4.90 -3.62 -4.69
N HIS A 22 -3.78 -4.01 -4.10
CA HIS A 22 -3.46 -5.42 -3.90
C HIS A 22 -3.58 -5.81 -2.42
N CYS A 23 -3.33 -4.84 -1.55
CA CYS A 23 -3.40 -5.07 -0.11
C CYS A 23 -4.84 -5.03 0.37
N TYR A 24 -5.18 -5.97 1.25
CA TYR A 24 -6.53 -6.06 1.79
C TYR A 24 -6.54 -6.76 3.15
N LYS A 25 -5.92 -7.93 3.19
CA LYS A 25 -5.85 -8.72 4.42
C LYS A 25 -5.01 -9.98 4.23
ZN ZN B . 0.30 -2.29 0.94
N PHE A 1 -4.52 2.63 3.87
CA PHE A 1 -3.41 3.59 3.63
C PHE A 1 -2.07 2.87 3.55
N VAL A 2 -1.28 3.20 2.53
CA VAL A 2 0.03 2.59 2.35
C VAL A 2 0.93 2.83 3.57
N SER A 3 0.72 3.96 4.23
CA SER A 3 1.51 4.31 5.41
C SER A 3 1.33 3.27 6.51
N THR A 4 0.17 2.62 6.53
CA THR A 4 -0.11 1.60 7.54
C THR A 4 0.12 0.19 6.97
N CYS A 5 0.74 0.11 5.81
CA CYS A 5 1.01 -1.19 5.18
C CYS A 5 1.99 -2.00 6.02
N TYR A 6 1.78 -3.31 6.07
CA TYR A 6 2.64 -4.20 6.84
C TYR A 6 3.30 -5.24 5.95
N LEU A 7 3.51 -4.88 4.68
CA LEU A 7 4.14 -5.79 3.73
C LEU A 7 4.89 -5.02 2.65
N PRO A 8 5.91 -5.64 2.03
CA PRO A 8 6.71 -5.00 0.99
C PRO A 8 5.93 -4.80 -0.30
N LYS A 9 6.61 -4.36 -1.35
CA LYS A 9 5.98 -4.13 -2.64
C LYS A 9 4.88 -3.08 -2.53
N CYS A 10 5.12 -2.07 -1.70
CA CYS A 10 4.15 -1.00 -1.50
C CYS A 10 4.86 0.33 -1.21
N ALA A 11 4.11 1.42 -1.31
CA ALA A 11 4.67 2.75 -1.06
C ALA A 11 5.80 3.06 -2.03
N ALA A 12 5.45 3.37 -3.27
CA ALA A 12 6.44 3.69 -4.30
C ALA A 12 6.37 5.16 -4.68
N ALA A 13 5.18 5.74 -4.59
CA ALA A 13 4.98 7.14 -4.93
C ALA A 13 3.92 7.78 -4.04
N ALA A 14 3.83 7.30 -2.80
CA ALA A 14 2.86 7.82 -1.84
C ALA A 14 1.44 7.66 -2.37
N ASN A 15 1.21 6.61 -3.15
CA ASN A 15 -0.10 6.34 -3.72
C ASN A 15 -0.86 5.33 -2.87
N VAL A 16 -1.94 5.79 -2.23
CA VAL A 16 -2.76 4.92 -1.38
C VAL A 16 -3.42 3.82 -2.21
N ALA A 17 -3.89 4.19 -3.40
CA ALA A 17 -4.56 3.23 -4.27
C ALA A 17 -3.64 2.06 -4.61
N ALA A 18 -2.39 2.39 -4.96
CA ALA A 18 -1.41 1.36 -5.30
C ALA A 18 -1.21 0.39 -4.15
N HIS A 19 -1.60 0.81 -2.94
CA HIS A 19 -1.46 -0.04 -1.76
C HIS A 19 -2.68 -0.92 -1.57
N ILE A 20 -3.82 -0.29 -1.29
CA ILE A 20 -5.07 -1.02 -1.07
C ILE A 20 -5.46 -1.85 -2.29
N THR A 21 -4.95 -1.47 -3.46
CA THR A 21 -5.26 -2.19 -4.70
C THR A 21 -5.09 -3.69 -4.53
N HIS A 22 -3.97 -4.10 -3.93
CA HIS A 22 -3.69 -5.51 -3.70
C HIS A 22 -3.76 -5.85 -2.22
N CYS A 23 -3.44 -4.88 -1.38
CA CYS A 23 -3.47 -5.07 0.06
C CYS A 23 -4.90 -5.01 0.60
N TYR A 24 -5.23 -5.92 1.50
CA TYR A 24 -6.56 -5.97 2.10
C TYR A 24 -6.50 -6.43 3.54
N LYS A 25 -6.11 -7.68 3.74
CA LYS A 25 -6.01 -8.25 5.09
C LYS A 25 -5.42 -9.65 5.04
ZN ZN B . 0.30 -2.38 0.97
N PHE A 1 -4.34 1.69 4.88
CA PHE A 1 -3.59 2.85 4.35
C PHE A 1 -2.16 2.45 3.97
N VAL A 2 -1.66 3.02 2.87
CA VAL A 2 -0.31 2.71 2.40
C VAL A 2 0.72 3.09 3.46
N SER A 3 0.42 4.12 4.25
CA SER A 3 1.32 4.58 5.29
C SER A 3 1.43 3.55 6.41
N THR A 4 0.37 2.78 6.61
CA THR A 4 0.34 1.76 7.65
C THR A 4 0.36 0.36 7.05
N CYS A 5 0.89 0.23 5.85
CA CYS A 5 0.97 -1.07 5.18
C CYS A 5 1.89 -2.02 5.94
N TYR A 6 1.68 -3.31 5.74
CA TYR A 6 2.49 -4.33 6.42
C TYR A 6 3.45 -5.00 5.45
N LEU A 7 2.93 -5.42 4.31
CA LEU A 7 3.74 -6.08 3.30
C LEU A 7 4.55 -5.07 2.49
N PRO A 8 5.74 -5.47 2.02
CA PRO A 8 6.61 -4.59 1.22
C PRO A 8 6.08 -4.38 -0.19
N LYS A 9 6.92 -3.80 -1.05
CA LYS A 9 6.54 -3.54 -2.43
C LYS A 9 5.31 -2.63 -2.49
N CYS A 10 5.19 -1.75 -1.50
CA CYS A 10 4.06 -0.83 -1.43
C CYS A 10 4.55 0.61 -1.21
N ALA A 11 3.69 1.57 -1.51
CA ALA A 11 4.03 2.98 -1.35
C ALA A 11 5.22 3.36 -2.23
N ALA A 12 5.25 2.81 -3.43
CA ALA A 12 6.34 3.09 -4.37
C ALA A 12 6.39 4.58 -4.72
N ALA A 13 5.23 5.23 -4.71
CA ALA A 13 5.15 6.65 -5.02
C ALA A 13 4.18 7.37 -4.07
N ALA A 14 4.09 6.87 -2.85
CA ALA A 14 3.20 7.45 -1.86
C ALA A 14 1.75 7.44 -2.34
N ASN A 15 1.41 6.44 -3.13
CA ASN A 15 0.05 6.31 -3.66
C ASN A 15 -0.77 5.33 -2.82
N VAL A 16 -1.87 5.83 -2.25
CA VAL A 16 -2.73 5.00 -1.43
C VAL A 16 -3.42 3.92 -2.26
N ALA A 17 -3.88 4.29 -3.44
CA ALA A 17 -4.55 3.35 -4.33
C ALA A 17 -3.63 2.17 -4.67
N ALA A 18 -2.38 2.48 -5.01
CA ALA A 18 -1.41 1.44 -5.34
C ALA A 18 -1.22 0.46 -4.19
N HIS A 19 -1.60 0.88 -2.98
CA HIS A 19 -1.47 0.05 -1.80
C HIS A 19 -2.70 -0.86 -1.64
N ILE A 20 -3.85 -0.24 -1.38
CA ILE A 20 -5.09 -0.98 -1.20
C ILE A 20 -5.43 -1.83 -2.41
N THR A 21 -4.85 -1.50 -3.57
CA THR A 21 -5.10 -2.24 -4.80
C THR A 21 -4.80 -3.73 -4.61
N HIS A 22 -3.79 -4.04 -3.82
CA HIS A 22 -3.40 -5.43 -3.58
C HIS A 22 -3.23 -5.71 -2.09
N CYS A 23 -3.71 -4.81 -1.25
CA CYS A 23 -3.61 -4.98 0.19
C CYS A 23 -4.98 -4.92 0.86
N TYR A 24 -5.63 -6.07 0.95
CA TYR A 24 -6.97 -6.15 1.55
C TYR A 24 -6.89 -6.84 2.92
N LYS A 25 -6.58 -8.13 2.91
CA LYS A 25 -6.49 -8.89 4.15
C LYS A 25 -6.04 -10.32 3.87
ZN ZN B . 0.22 -2.31 0.96
N PHE A 1 -4.23 2.39 4.47
CA PHE A 1 -3.31 3.36 3.82
C PHE A 1 -1.94 2.74 3.57
N VAL A 2 -1.32 3.13 2.45
CA VAL A 2 0.00 2.61 2.09
C VAL A 2 1.02 2.91 3.18
N SER A 3 0.83 4.03 3.88
CA SER A 3 1.74 4.42 4.95
C SER A 3 1.71 3.42 6.09
N THR A 4 0.57 2.77 6.29
CA THR A 4 0.41 1.78 7.34
C THR A 4 0.33 0.37 6.77
N CYS A 5 0.92 0.18 5.59
CA CYS A 5 0.92 -1.12 4.95
C CYS A 5 1.71 -2.14 5.76
N TYR A 6 1.39 -3.42 5.57
CA TYR A 6 2.07 -4.49 6.30
C TYR A 6 3.15 -5.13 5.43
N LEU A 7 2.79 -5.45 4.20
CA LEU A 7 3.74 -6.08 3.27
C LEU A 7 4.63 -5.02 2.61
N PRO A 8 5.92 -5.34 2.42
CA PRO A 8 6.88 -4.41 1.80
C PRO A 8 6.69 -4.31 0.29
N LYS A 9 7.42 -3.40 -0.34
CA LYS A 9 7.34 -3.21 -1.79
C LYS A 9 5.93 -2.79 -2.20
N CYS A 10 5.35 -1.85 -1.45
CA CYS A 10 4.01 -1.38 -1.75
C CYS A 10 4.01 0.13 -2.01
N ALA A 11 4.72 0.88 -1.18
CA ALA A 11 4.81 2.32 -1.32
C ALA A 11 5.86 2.70 -2.36
N ALA A 12 5.39 3.17 -3.52
CA ALA A 12 6.30 3.58 -4.59
C ALA A 12 6.29 5.09 -4.78
N ALA A 13 5.16 5.71 -4.49
CA ALA A 13 5.02 7.16 -4.62
C ALA A 13 3.96 7.70 -3.66
N ALA A 14 3.87 7.09 -2.49
CA ALA A 14 2.89 7.51 -1.48
C ALA A 14 1.47 7.40 -2.02
N ASN A 15 1.26 6.44 -2.91
CA ASN A 15 -0.07 6.22 -3.50
C ASN A 15 -0.88 5.23 -2.67
N VAL A 16 -1.99 5.71 -2.12
CA VAL A 16 -2.86 4.86 -1.31
C VAL A 16 -3.57 3.82 -2.16
N ALA A 17 -4.03 4.24 -3.33
CA ALA A 17 -4.74 3.33 -4.24
C ALA A 17 -3.86 2.15 -4.61
N ALA A 18 -2.62 2.44 -5.02
CA ALA A 18 -1.67 1.39 -5.40
C ALA A 18 -1.45 0.40 -4.27
N HIS A 19 -1.76 0.82 -3.04
CA HIS A 19 -1.60 -0.03 -1.87
C HIS A 19 -2.84 -0.91 -1.67
N ILE A 20 -3.96 -0.26 -1.37
CA ILE A 20 -5.21 -0.98 -1.13
C ILE A 20 -5.62 -1.82 -2.35
N THR A 21 -5.08 -1.49 -3.51
CA THR A 21 -5.41 -2.23 -4.74
C THR A 21 -5.14 -3.72 -4.58
N HIS A 22 -4.12 -4.05 -3.79
CA HIS A 22 -3.75 -5.44 -3.57
C HIS A 22 -3.52 -5.75 -2.09
N CYS A 23 -3.96 -4.84 -1.23
CA CYS A 23 -3.79 -5.03 0.21
C CYS A 23 -5.13 -4.95 0.94
N TYR A 24 -5.52 -6.06 1.56
CA TYR A 24 -6.77 -6.12 2.30
C TYR A 24 -6.60 -6.82 3.64
N LYS A 25 -5.94 -7.98 3.62
CA LYS A 25 -5.70 -8.75 4.83
C LYS A 25 -4.87 -9.99 4.53
ZN ZN B . 0.13 -2.44 0.82
N PHE A 1 -4.04 1.94 4.84
CA PHE A 1 -3.25 2.93 4.07
C PHE A 1 -1.88 2.37 3.67
N VAL A 2 -1.34 2.88 2.57
CA VAL A 2 -0.05 2.42 2.08
C VAL A 2 1.05 2.67 3.11
N SER A 3 0.88 3.73 3.91
CA SER A 3 1.84 4.07 4.93
C SER A 3 1.86 3.03 6.05
N THR A 4 0.72 2.40 6.28
CA THR A 4 0.60 1.37 7.31
C THR A 4 0.49 -0.02 6.70
N CYS A 5 1.01 -0.18 5.48
CA CYS A 5 0.96 -1.46 4.79
C CYS A 5 1.80 -2.50 5.54
N TYR A 6 1.25 -3.70 5.68
CA TYR A 6 1.95 -4.78 6.37
C TYR A 6 3.27 -5.11 5.68
N LEU A 7 3.25 -5.07 4.35
CA LEU A 7 4.45 -5.37 3.56
C LEU A 7 5.06 -4.08 2.99
N PRO A 8 6.40 -4.05 2.84
CA PRO A 8 7.09 -2.87 2.31
C PRO A 8 6.90 -2.72 0.80
N LYS A 9 6.75 -3.84 0.10
CA LYS A 9 6.56 -3.83 -1.34
C LYS A 9 5.21 -3.22 -1.71
N CYS A 10 5.10 -1.91 -1.56
CA CYS A 10 3.85 -1.20 -1.88
C CYS A 10 4.11 0.28 -2.12
N ALA A 11 4.59 0.97 -1.08
CA ALA A 11 4.88 2.39 -1.18
C ALA A 11 5.94 2.67 -2.25
N ALA A 12 5.47 3.02 -3.44
CA ALA A 12 6.37 3.32 -4.55
C ALA A 12 6.36 4.80 -4.89
N ALA A 13 5.22 5.44 -4.68
CA ALA A 13 5.08 6.87 -4.97
C ALA A 13 4.08 7.52 -4.01
N ALA A 14 4.01 7.01 -2.79
CA ALA A 14 3.10 7.55 -1.79
C ALA A 14 1.66 7.47 -2.25
N ASN A 15 1.35 6.45 -3.06
CA ASN A 15 0.00 6.27 -3.58
C ASN A 15 -0.78 5.28 -2.72
N VAL A 16 -1.86 5.76 -2.11
CA VAL A 16 -2.69 4.92 -1.26
C VAL A 16 -3.49 3.92 -2.09
N ALA A 17 -4.02 4.38 -3.22
CA ALA A 17 -4.80 3.52 -4.10
C ALA A 17 -3.98 2.32 -4.56
N ALA A 18 -2.75 2.59 -4.99
CA ALA A 18 -1.86 1.53 -5.45
C ALA A 18 -1.63 0.48 -4.37
N HIS A 19 -1.88 0.85 -3.12
CA HIS A 19 -1.70 -0.06 -2.00
C HIS A 19 -2.95 -0.91 -1.79
N ILE A 20 -4.05 -0.27 -1.41
CA ILE A 20 -5.30 -0.97 -1.17
C ILE A 20 -5.77 -1.76 -2.41
N THR A 21 -5.26 -1.38 -3.58
CA THR A 21 -5.64 -2.05 -4.81
C THR A 21 -5.36 -3.55 -4.74
N HIS A 22 -4.31 -3.92 -4.02
CA HIS A 22 -3.95 -5.34 -3.89
C HIS A 22 -3.67 -5.70 -2.43
N CYS A 23 -4.12 -4.86 -1.50
CA CYS A 23 -3.91 -5.11 -0.08
C CYS A 23 -5.24 -5.07 0.67
N TYR A 24 -5.67 -6.23 1.16
CA TYR A 24 -6.92 -6.32 1.91
C TYR A 24 -6.81 -7.34 3.03
N LYS A 25 -6.29 -8.53 2.70
CA LYS A 25 -6.13 -9.59 3.67
C LYS A 25 -4.77 -10.25 3.53
ZN ZN B . 0.02 -2.59 0.60
#